data_9FNR
#
_entry.id   9FNR
#
_cell.length_a   57.100
_cell.length_b   57.100
_cell.length_c   172.197
_cell.angle_alpha   90.000
_cell.angle_beta   90.000
_cell.angle_gamma   90.000
#
_symmetry.space_group_name_H-M   'I 41 2 2'
#
loop_
_entity.id
_entity.type
_entity.pdbx_description
1 polymer Streptavidin
2 non-polymer N-methyl-N-[(4,4,6,6-tetrahydroxy-4,6-dioxido-1,3,3a,5,6a-tetrahydrothien[3,4-d]imidazol-4-ium-2-yl)methyl]-5-(2,4,4-trihydroxy-2-keto-3,3a,5,6-tetrahydro-1H-thien[3,4-d]imidazol-4-ium-6-yl
3 non-polymer 'SULFATE ION'
4 water water
#
_entity_poly.entity_id   1
_entity_poly.type   'polypeptide(L)'
_entity_poly.pdbx_seq_one_letter_code
;MASMTGGQQMGRDQAGITGTWYNQLGSTFIVTAGADGALTGTYESAVGNAESRYVLTGRYDSAPATDGSGTALGWTVAWK
NNYRNAHSATTWSGQYVGGAEARINTQWLLTVGTTEANAWKSTLVGHDTFTKVKPSAASIDAAKKAGVNNGNPLDAVQQ
;
_entity_poly.pdbx_strand_id   A
#
# COMPACT_ATOMS: atom_id res chain seq x y z
N GLY A 11 -4.01 -16.90 7.96
CA GLY A 11 -2.82 -16.34 7.35
C GLY A 11 -1.56 -16.66 8.14
N ARG A 12 -0.53 -17.12 7.43
CA ARG A 12 0.75 -17.40 8.08
C ARG A 12 1.40 -16.11 8.56
N ASP A 13 1.38 -15.06 7.72
CA ASP A 13 1.92 -13.76 8.09
C ASP A 13 0.81 -12.75 8.36
N GLN A 14 -0.38 -13.23 8.71
CA GLN A 14 -1.45 -12.34 9.15
C GLN A 14 -0.98 -11.45 10.30
N ALA A 15 -0.21 -12.01 11.25
CA ALA A 15 0.31 -11.18 12.33
C ALA A 15 1.51 -10.35 11.89
N GLY A 16 2.39 -10.95 11.06
CA GLY A 16 3.51 -10.21 10.52
C GLY A 16 3.09 -8.95 9.79
N ILE A 17 2.04 -9.04 8.99
CA ILE A 17 1.61 -7.90 8.17
C ILE A 17 0.80 -6.91 8.97
N THR A 18 -0.11 -7.41 9.79
CA THR A 18 -0.99 -6.54 10.55
C THR A 18 -0.17 -5.60 11.41
N GLY A 19 -0.43 -4.30 11.29
CA GLY A 19 0.17 -3.29 12.13
C GLY A 19 0.43 -2.05 11.31
N THR A 20 1.39 -1.26 11.78
CA THR A 20 1.72 0.02 11.18
C THR A 20 3.06 -0.04 10.46
N TRP A 21 3.08 0.51 9.25
CA TRP A 21 4.22 0.52 8.37
C TRP A 21 4.52 1.96 7.95
N TYR A 22 5.79 2.24 7.74
CA TYR A 22 6.26 3.58 7.37
C TYR A 22 7.14 3.44 6.16
N ASN A 23 6.92 4.29 5.15
CA ASN A 23 7.79 4.25 3.98
C ASN A 23 8.98 5.21 4.15
N GLN A 24 9.84 5.23 3.14
CA GLN A 24 11.05 6.02 3.20
C GLN A 24 10.75 7.50 3.19
N LEU A 25 9.52 7.89 2.84
CA LEU A 25 9.09 9.28 2.80
C LEU A 25 8.38 9.74 4.08
N GLY A 26 8.12 8.83 5.01
CA GLY A 26 7.37 9.15 6.21
C GLY A 26 5.89 8.90 6.13
N SER A 27 5.38 8.41 5.00
CA SER A 27 4.00 8.02 4.92
C SER A 27 3.73 6.88 5.88
N THR A 28 2.48 6.74 6.28
CA THR A 28 2.08 5.78 7.31
C THR A 28 0.94 4.92 6.79
N PHE A 29 1.07 3.61 6.95
CA PHE A 29 0.23 2.59 6.33
C PHE A 29 -0.15 1.70 7.50
N ILE A 30 -1.42 1.77 7.91
CA ILE A 30 -1.96 0.98 9.02
C ILE A 30 -2.91 -0.02 8.41
N VAL A 31 -2.69 -1.30 8.68
CA VAL A 31 -3.40 -2.35 7.96
C VAL A 31 -3.72 -3.55 8.86
N THR A 32 -4.88 -4.15 8.61
CA THR A 32 -5.24 -5.42 9.22
C THR A 32 -5.34 -6.46 8.14
N ALA A 33 -4.65 -7.58 8.35
CA ALA A 33 -4.66 -8.70 7.41
C ALA A 33 -5.61 -9.76 7.95
N GLY A 34 -6.66 -10.06 7.20
CA GLY A 34 -7.60 -11.06 7.64
C GLY A 34 -7.14 -12.46 7.28
N ALA A 35 -7.73 -13.45 7.95
CA ALA A 35 -7.29 -14.82 7.70
C ALA A 35 -7.73 -15.31 6.33
N ASP A 36 -8.68 -14.62 5.72
CA ASP A 36 -9.16 -14.92 4.38
C ASP A 36 -8.32 -14.27 3.28
N GLY A 37 -7.40 -13.40 3.63
CA GLY A 37 -6.59 -12.73 2.65
C GLY A 37 -6.96 -11.28 2.42
N ALA A 38 -7.81 -10.71 3.26
CA ALA A 38 -8.20 -9.31 3.12
C ALA A 38 -7.17 -8.40 3.77
N LEU A 39 -6.88 -7.28 3.11
CA LEU A 39 -6.19 -6.16 3.72
C LEU A 39 -7.17 -5.01 3.84
N THR A 40 -7.20 -4.36 4.99
CA THR A 40 -8.07 -3.21 5.21
C THR A 40 -7.35 -2.29 6.18
N GLY A 41 -7.45 -0.98 5.99
CA GLY A 41 -6.80 -0.06 6.89
C GLY A 41 -6.90 1.36 6.40
N THR A 42 -5.89 2.14 6.75
CA THR A 42 -5.82 3.52 6.33
C THR A 42 -4.40 3.85 5.86
N TYR A 43 -4.30 4.80 4.95
CA TYR A 43 -3.03 5.31 4.46
C TYR A 43 -3.00 6.80 4.78
N GLU A 44 -1.92 7.27 5.35
CA GLU A 44 -1.72 8.69 5.58
C GLU A 44 -0.45 9.09 4.85
N SER A 45 -0.59 9.87 3.79
CA SER A 45 0.56 10.20 2.97
C SER A 45 1.35 11.36 3.58
N ALA A 46 2.67 11.29 3.45
CA ALA A 46 3.54 12.39 3.84
C ALA A 46 3.95 13.26 2.67
N VAL A 47 3.80 12.78 1.44
CA VAL A 47 4.17 13.55 0.25
C VAL A 47 2.96 13.66 -0.66
N GLY A 48 3.00 14.66 -1.52
CA GLY A 48 2.01 14.77 -2.56
C GLY A 48 0.79 15.57 -2.16
N ASN A 49 -0.25 15.42 -2.97
CA ASN A 49 -1.48 16.21 -2.88
C ASN A 49 -2.55 15.51 -2.04
N ALA A 50 -2.13 15.06 -0.86
CA ALA A 50 -2.97 14.30 0.05
C ALA A 50 -2.90 14.94 1.43
N GLU A 51 -3.78 14.52 2.32
CA GLU A 51 -3.65 15.02 3.68
C GLU A 51 -3.86 13.98 4.78
N SER A 52 -5.06 13.98 5.36
CA SER A 52 -5.33 13.12 6.49
C SER A 52 -5.14 11.64 6.12
N ARG A 53 -6.00 10.80 6.67
CA ARG A 53 -6.01 9.40 6.35
C ARG A 53 -6.95 9.18 5.19
N TYR A 54 -6.65 8.14 4.43
CA TYR A 54 -7.53 7.64 3.38
C TYR A 54 -7.76 6.16 3.56
N VAL A 55 -8.94 5.70 3.16
CA VAL A 55 -9.23 4.28 3.28
C VAL A 55 -8.34 3.50 2.34
N LEU A 56 -7.93 2.30 2.76
CA LEU A 56 -7.22 1.42 1.86
C LEU A 56 -7.85 0.04 1.97
N THR A 57 -7.84 -0.69 0.86
CA THR A 57 -8.23 -2.09 0.85
C THR A 57 -7.32 -2.84 -0.10
N GLY A 58 -7.11 -4.11 0.18
CA GLY A 58 -6.30 -4.91 -0.69
C GLY A 58 -6.42 -6.36 -0.34
N ARG A 59 -5.46 -7.13 -0.84
CA ARG A 59 -5.40 -8.57 -0.66
C ARG A 59 -3.96 -9.01 -0.45
N TYR A 60 -3.79 -10.16 0.21
CA TYR A 60 -2.49 -10.77 0.38
C TYR A 60 -2.63 -12.28 0.29
N ASP A 61 -1.51 -12.94 0.05
CA ASP A 61 -1.47 -14.40 0.00
C ASP A 61 -1.45 -14.92 1.43
N SER A 62 -2.54 -15.57 1.85
CA SER A 62 -2.64 -16.01 3.23
C SER A 62 -1.99 -17.37 3.46
N ALA A 63 -1.31 -17.92 2.46
CA ALA A 63 -0.61 -19.20 2.56
C ALA A 63 0.65 -19.10 1.73
N PRO A 64 1.61 -18.27 2.13
CA PRO A 64 2.82 -18.09 1.35
C PRO A 64 3.66 -19.35 1.32
N ALA A 65 4.56 -19.40 0.35
CA ALA A 65 5.55 -20.47 0.31
C ALA A 65 6.46 -20.36 1.52
N THR A 66 6.80 -21.51 2.09
CA THR A 66 7.68 -21.55 3.26
C THR A 66 9.13 -21.70 2.86
N ASP A 67 9.46 -21.50 1.59
CA ASP A 67 10.81 -21.65 1.09
C ASP A 67 11.65 -20.40 1.29
N GLY A 68 11.25 -19.53 2.21
CA GLY A 68 11.93 -18.28 2.43
C GLY A 68 11.47 -17.17 1.53
N SER A 69 10.49 -17.43 0.68
CA SER A 69 10.00 -16.40 -0.22
C SER A 69 9.13 -15.42 0.55
N GLY A 70 9.00 -14.24 0.00
CA GLY A 70 8.11 -13.26 0.57
C GLY A 70 6.65 -13.56 0.31
N THR A 71 5.80 -12.74 0.92
CA THR A 71 4.36 -12.88 0.86
C THR A 71 3.79 -11.80 -0.05
N ALA A 72 3.24 -12.19 -1.18
CA ALA A 72 2.70 -11.23 -2.14
C ALA A 72 1.45 -10.55 -1.60
N LEU A 73 1.31 -9.27 -1.91
CA LEU A 73 0.17 -8.47 -1.47
C LEU A 73 0.04 -7.27 -2.38
N GLY A 74 -1.12 -6.63 -2.30
CA GLY A 74 -1.26 -5.30 -2.85
C GLY A 74 -2.45 -4.61 -2.26
N TRP A 75 -2.53 -3.31 -2.49
CA TRP A 75 -3.64 -2.54 -1.97
C TRP A 75 -3.81 -1.29 -2.81
N THR A 76 -4.97 -0.66 -2.65
CA THR A 76 -5.38 0.52 -3.37
C THR A 76 -5.80 1.59 -2.38
N VAL A 77 -5.47 2.84 -2.69
CA VAL A 77 -6.03 4.01 -2.03
C VAL A 77 -6.63 4.88 -3.12
N ALA A 78 -7.88 5.25 -2.95
CA ALA A 78 -8.43 6.33 -3.75
C ALA A 78 -8.23 7.59 -2.94
N TRP A 79 -7.69 8.64 -3.58
CA TRP A 79 -7.25 9.83 -2.86
C TRP A 79 -8.40 10.81 -2.66
N LYS A 80 -9.50 10.29 -2.13
CA LYS A 80 -10.65 11.07 -1.73
C LYS A 80 -10.92 10.78 -0.26
N ASN A 81 -11.06 11.84 0.54
CA ASN A 81 -11.54 11.74 1.91
C ASN A 81 -12.33 13.01 2.20
N ASN A 82 -12.63 13.25 3.47
CA ASN A 82 -13.46 14.39 3.83
C ASN A 82 -12.80 15.72 3.55
N TYR A 83 -11.51 15.76 3.26
CA TYR A 83 -10.73 16.99 3.18
C TYR A 83 -10.15 17.25 1.80
N ARG A 84 -9.99 16.23 0.97
CA ARG A 84 -9.30 16.32 -0.31
C ARG A 84 -9.97 15.37 -1.30
N ASN A 85 -10.00 15.77 -2.57
CA ASN A 85 -10.24 14.80 -3.65
C ASN A 85 -9.22 15.08 -4.75
N ALA A 86 -8.26 14.19 -4.89
CA ALA A 86 -7.27 14.36 -5.93
C ALA A 86 -7.68 13.69 -7.24
N HIS A 87 -8.86 13.10 -7.28
CA HIS A 87 -9.36 12.44 -8.49
C HIS A 87 -8.32 11.49 -9.03
N SER A 88 -7.79 10.66 -8.14
CA SER A 88 -6.72 9.76 -8.50
C SER A 88 -6.70 8.62 -7.51
N ALA A 89 -5.99 7.56 -7.90
CA ALA A 89 -5.88 6.34 -7.10
C ALA A 89 -4.49 5.78 -7.28
N THR A 90 -3.94 5.22 -6.21
CA THR A 90 -2.65 4.55 -6.26
C THR A 90 -2.86 3.10 -5.84
N THR A 91 -2.16 2.21 -6.53
CA THR A 91 -2.11 0.80 -6.17
C THR A 91 -0.67 0.46 -5.90
N TRP A 92 -0.44 -0.24 -4.79
CA TRP A 92 0.86 -0.79 -4.45
C TRP A 92 0.82 -2.29 -4.64
N SER A 93 1.85 -2.82 -5.28
CA SER A 93 2.07 -4.24 -5.50
C SER A 93 3.44 -4.60 -4.97
N GLY A 94 3.52 -5.63 -4.13
CA GLY A 94 4.79 -5.95 -3.53
C GLY A 94 4.74 -7.21 -2.72
N GLN A 95 5.74 -7.34 -1.85
CA GLN A 95 5.80 -8.51 -1.01
C GLN A 95 6.33 -8.12 0.36
N TYR A 96 5.79 -8.82 1.35
CA TYR A 96 6.22 -8.73 2.74
C TYR A 96 7.35 -9.71 2.99
N VAL A 97 8.40 -9.22 3.62
CA VAL A 97 9.57 -10.00 3.98
C VAL A 97 9.69 -9.90 5.49
N GLY A 98 9.50 -11.01 6.18
CA GLY A 98 9.50 -10.99 7.62
C GLY A 98 10.91 -10.94 8.18
N GLY A 99 10.97 -10.92 9.51
CA GLY A 99 12.22 -11.05 10.23
C GLY A 99 12.55 -9.81 11.02
N ALA A 100 13.79 -9.80 11.53
CA ALA A 100 14.22 -8.75 12.45
C ALA A 100 14.09 -7.38 11.82
N GLU A 101 14.44 -7.27 10.54
CA GLU A 101 14.20 -6.06 9.76
C GLU A 101 13.11 -6.35 8.73
N ALA A 102 11.89 -6.53 9.22
CA ALA A 102 10.78 -6.81 8.34
C ALA A 102 10.56 -5.62 7.41
N ARG A 103 10.12 -5.94 6.19
CA ARG A 103 9.98 -4.96 5.13
C ARG A 103 8.75 -5.33 4.29
N ILE A 104 8.09 -4.31 3.76
CA ILE A 104 7.21 -4.50 2.62
C ILE A 104 7.79 -3.72 1.45
N ASN A 105 8.24 -4.45 0.44
CA ASN A 105 8.87 -3.89 -0.75
C ASN A 105 7.82 -3.78 -1.83
N THR A 106 7.62 -2.57 -2.37
CA THR A 106 6.57 -2.35 -3.33
C THR A 106 7.00 -1.51 -4.53
N GLN A 107 6.20 -1.66 -5.58
CA GLN A 107 6.10 -0.71 -6.68
C GLN A 107 4.66 -0.24 -6.76
N TRP A 108 4.48 1.00 -7.23
CA TRP A 108 3.13 1.53 -7.25
C TRP A 108 2.85 2.22 -8.57
N LEU A 109 1.56 2.30 -8.85
CA LEU A 109 1.02 2.99 -10.01
C LEU A 109 0.00 3.99 -9.48
N LEU A 110 0.16 5.25 -9.84
CA LEU A 110 -0.78 6.31 -9.50
C LEU A 110 -1.45 6.81 -10.78
N THR A 111 -2.76 6.62 -10.88
CA THR A 111 -3.52 7.10 -12.04
C THR A 111 -4.37 8.28 -11.65
N VAL A 112 -4.30 9.33 -12.44
CA VAL A 112 -5.11 10.53 -12.30
C VAL A 112 -6.21 10.48 -13.33
N GLY A 113 -7.43 10.85 -12.93
CA GLY A 113 -8.48 10.98 -13.92
C GLY A 113 -8.15 12.05 -14.95
N THR A 114 -8.24 11.74 -16.24
CA THR A 114 -7.85 12.68 -17.27
C THR A 114 -8.89 12.66 -18.41
N THR A 115 -8.82 13.68 -19.26
CA THR A 115 -9.50 13.62 -20.55
C THR A 115 -8.85 12.57 -21.44
N GLU A 116 -9.57 12.14 -22.48
CA GLU A 116 -9.00 11.13 -23.36
C GLU A 116 -7.72 11.66 -24.02
N ALA A 117 -7.67 12.97 -24.29
CA ALA A 117 -6.49 13.56 -24.92
C ALA A 117 -5.26 13.47 -24.03
N ASN A 118 -5.45 13.47 -22.71
CA ASN A 118 -4.35 13.41 -21.76
C ASN A 118 -4.17 12.03 -21.16
N ALA A 119 -4.88 11.03 -21.67
CA ALA A 119 -4.81 9.71 -21.06
C ALA A 119 -3.40 9.15 -21.09
N TRP A 120 -2.66 9.43 -22.15
CA TRP A 120 -1.34 8.82 -22.28
C TRP A 120 -0.43 9.20 -21.13
N LYS A 121 -0.69 10.34 -20.49
CA LYS A 121 0.08 10.75 -19.32
C LYS A 121 -0.72 10.67 -18.01
N SER A 122 -1.61 9.68 -17.89
CA SER A 122 -2.45 9.58 -16.70
C SER A 122 -1.77 8.89 -15.54
N THR A 123 -0.69 8.13 -15.77
CA THR A 123 -0.24 7.16 -14.78
C THR A 123 1.24 7.32 -14.44
N LEU A 124 1.50 7.63 -13.18
CA LEU A 124 2.84 7.65 -12.62
C LEU A 124 3.21 6.30 -12.06
N VAL A 125 4.50 6.01 -12.07
CA VAL A 125 5.06 4.80 -11.48
C VAL A 125 6.16 5.16 -10.48
N GLY A 126 6.26 4.37 -9.43
CA GLY A 126 7.25 4.59 -8.40
C GLY A 126 7.45 3.35 -7.55
N HIS A 127 8.17 3.54 -6.46
CA HIS A 127 8.45 2.45 -5.53
C HIS A 127 8.49 2.99 -4.11
N ASP A 128 8.05 2.14 -3.19
CA ASP A 128 8.05 2.45 -1.75
C ASP A 128 8.58 1.24 -1.02
N THR A 129 9.44 1.47 -0.03
CA THR A 129 9.87 0.43 0.89
C THR A 129 9.33 0.77 2.26
N PHE A 130 8.55 -0.13 2.83
CA PHE A 130 7.94 0.09 4.12
C PHE A 130 8.67 -0.70 5.20
N THR A 131 8.87 -0.06 6.34
CA THR A 131 9.47 -0.69 7.53
C THR A 131 8.56 -0.50 8.73
N LYS A 132 8.83 -1.27 9.78
CA LYS A 132 8.09 -1.14 11.02
C LYS A 132 8.56 0.03 11.88
N VAL A 133 9.71 0.64 11.56
CA VAL A 133 10.25 1.75 12.34
C VAL A 133 10.28 3.02 11.48
N LYS A 134 10.28 4.17 12.17
CA LYS A 134 10.42 5.53 11.59
C LYS A 134 9.03 6.18 11.55
#